data_2XQJ
#
_entry.id   2XQJ
#
_cell.length_a   155.820
_cell.length_b   155.820
_cell.length_c   128.280
_cell.angle_alpha   90.00
_cell.angle_beta   90.00
_cell.angle_gamma   90.00
#
_symmetry.space_group_name_H-M   'I 4 2 2'
#
loop_
_entity.id
_entity.type
_entity.pdbx_description
1 polymer CHOLINESTERASE
2 branched 2-acetamido-2-deoxy-beta-D-glucopyranose-(1-4)-[beta-L-fucopyranose-(1-6)]2-acetamido-2-deoxy-beta-D-glucopyranose
3 non-polymer GLYCINE
4 non-polymer 'O-ETHYLMETHYLPHOSPHONIC ACID ESTER GROUP'
5 non-polymer 'SULFATE ION'
6 non-polymer 'SODIUM ION'
7 non-polymer 'POTASSIUM ION'
8 non-polymer 'CALCIUM ION'
9 non-polymer 'CHLORIDE ION'
10 non-polymer 2-acetamido-2-deoxy-beta-D-glucopyranose
11 non-polymer 'MAGNESIUM ION'
12 water water
#
_entity_poly.entity_id   1
_entity_poly.type   'polypeptide(L)'
_entity_poly.pdbx_seq_one_letter_code
;DIIIATKNGKVRGMQLTVFGGTVTAFLGIPYAQPPLGRLRFKKPQSLTKWSDIWNATKYANSCCQNIDQSFPGFHGSEMW
NPNTDLSEDCLYLNVWIPAPKPKNATVLIWIYGGGFQTGTSSLHVYDGKFLARVERVIVVSMNYRVGALGFLALPGNPEA
PGNMGLFDQQLALQWVQKNIAAFGGNPKSVTLFGESAGAASVSLHLLSPGSHSLFTRAILQSGSFNAPWAVTSLYEARNR
TLNLAKLTGCSRENETEIIKCLRNKDPQEILLNEAFVVPYGTPLSVNFGPTVDGDFLTDMPDILLELGQFKKTQILVGVN
KDEGTAFLVYGAPGFSKDNNSIITRKEFQEGLKIFFPGVSEFGKESILFHYTDWVDDQRPENYREALGDVVGDYNFICPA
LEFTKKFSEWGNNAFFYYFEHRSSKLPWPEWMGVMHGYEIEFVFGLPLERRDQYTKAEEILSRSIVKRWANFAKYGNPQE
TQNQSTSWPVFKSTEQKYLTLNTESTRIMTKLRAQQCRFWTSFFPKV
;
_entity_poly.pdbx_strand_id   A
#
loop_
_chem_comp.id
_chem_comp.type
_chem_comp.name
_chem_comp.formula
CA non-polymer 'CALCIUM ION' 'Ca 2'
CL non-polymer 'CHLORIDE ION' 'Cl -1'
FUL L-saccharide, beta linking beta-L-fucopyranose 'C6 H12 O5'
K non-polymer 'POTASSIUM ION' 'K 1'
MG non-polymer 'MAGNESIUM ION' 'Mg 2'
NA non-polymer 'SODIUM ION' 'Na 1'
NAG D-saccharide, beta linking 2-acetamido-2-deoxy-beta-D-glucopyranose 'C8 H15 N O6'
SO4 non-polymer 'SULFATE ION' 'O4 S -2'
VX non-polymer 'O-ETHYLMETHYLPHOSPHONIC ACID ESTER GROUP' 'C3 H9 O3 P'
#
# COMPACT_ATOMS: atom_id res chain seq x y z
N ASP A 1 -34.80 -1.84 -1.83
CA ASP A 1 -34.41 -0.86 -0.76
C ASP A 1 -33.73 -1.54 0.45
N ILE A 2 -32.46 -1.24 0.72
CA ILE A 2 -31.67 -2.02 1.72
C ILE A 2 -31.13 -1.23 2.91
N ILE A 3 -31.68 -1.48 4.10
CA ILE A 3 -31.35 -0.70 5.27
C ILE A 3 -30.82 -1.57 6.38
N ILE A 4 -29.63 -1.21 6.85
CA ILE A 4 -28.96 -1.92 7.91
C ILE A 4 -28.80 -1.05 9.14
N ALA A 5 -29.13 -1.60 10.32
CA ALA A 5 -28.99 -0.93 11.60
C ALA A 5 -27.57 -1.08 12.15
N THR A 6 -26.78 0.00 12.21
CA THR A 6 -25.43 -0.08 12.85
C THR A 6 -25.50 0.35 14.30
N LYS A 7 -24.37 0.25 15.04
CA LYS A 7 -24.29 0.80 16.42
C LYS A 7 -24.53 2.31 16.49
N ASN A 8 -24.22 3.03 15.40
CA ASN A 8 -24.38 4.48 15.36
C ASN A 8 -25.61 4.96 14.58
N GLY A 9 -26.42 4.02 14.09
CA GLY A 9 -27.63 4.39 13.39
C GLY A 9 -27.78 3.69 12.07
N LYS A 10 -28.88 3.97 11.37
CA LYS A 10 -29.19 3.28 10.13
C LYS A 10 -28.48 3.84 8.89
N VAL A 11 -28.05 2.92 8.03
CA VAL A 11 -27.53 3.32 6.74
C VAL A 11 -28.31 2.66 5.63
N ARG A 12 -28.47 3.37 4.52
CA ARG A 12 -29.12 2.85 3.30
C ARG A 12 -28.07 2.61 2.19
N GLY A 13 -28.16 1.50 1.49
CA GLY A 13 -27.21 1.21 0.43
C GLY A 13 -27.86 1.28 -0.93
N MET A 14 -27.17 0.77 -1.94
CA MET A 14 -27.75 0.68 -3.28
C MET A 14 -27.39 -0.66 -3.95
N GLN A 15 -28.17 -1.10 -4.92
CA GLN A 15 -27.96 -2.41 -5.52
C GLN A 15 -27.28 -2.25 -6.85
N LEU A 16 -26.38 -3.17 -7.15
CA LEU A 16 -25.69 -3.20 -8.42
C LEU A 16 -25.83 -4.54 -9.07
N THR A 17 -26.02 -4.51 -10.39
CA THR A 17 -25.93 -5.67 -11.26
C THR A 17 -24.47 -5.92 -11.64
N VAL A 18 -24.06 -7.17 -11.50
CA VAL A 18 -22.69 -7.59 -11.69
C VAL A 18 -22.78 -9.01 -12.15
N PHE A 19 -22.43 -9.23 -13.41
CA PHE A 19 -22.36 -10.60 -13.96
C PHE A 19 -23.68 -11.35 -13.75
N GLY A 20 -24.77 -10.74 -14.19
CA GLY A 20 -26.12 -11.32 -14.05
C GLY A 20 -26.61 -11.57 -12.64
N GLY A 21 -25.97 -10.96 -11.63
CA GLY A 21 -26.38 -11.13 -10.23
C GLY A 21 -26.47 -9.75 -9.62
N THR A 22 -26.54 -9.69 -8.31
CA THR A 22 -26.62 -8.44 -7.57
C THR A 22 -25.59 -8.39 -6.46
N VAL A 23 -25.07 -7.18 -6.22
CA VAL A 23 -24.28 -6.83 -5.03
C VAL A 23 -24.88 -5.57 -4.38
N THR A 24 -24.83 -5.48 -3.04
CA THR A 24 -25.31 -4.29 -2.34
C THR A 24 -24.09 -3.49 -1.89
N ALA A 25 -24.07 -2.17 -2.18
CA ALA A 25 -22.89 -1.36 -1.95
C ALA A 25 -23.31 -0.26 -0.98
N PHE A 26 -22.51 -0.08 0.06
CA PHE A 26 -22.71 1.05 0.98
C PHE A 26 -21.45 1.86 0.86
N LEU A 27 -21.55 2.94 0.11
CA LEU A 27 -20.45 3.84 -0.13
C LEU A 27 -20.53 5.11 0.76
N GLY A 28 -19.41 5.50 1.37
CA GLY A 28 -19.36 6.70 2.22
C GLY A 28 -20.02 6.60 3.60
N ILE A 29 -19.84 5.51 4.35
CA ILE A 29 -20.29 5.46 5.76
C ILE A 29 -19.22 6.15 6.63
N PRO A 30 -19.63 7.12 7.49
CA PRO A 30 -18.56 7.73 8.34
C PRO A 30 -18.17 6.76 9.45
N TYR A 31 -16.91 6.83 9.91
CA TYR A 31 -16.43 5.98 11.00
C TYR A 31 -15.70 6.80 12.10
N ALA A 32 -15.63 8.13 11.97
CA ALA A 32 -15.04 9.01 13.02
C ALA A 32 -15.54 10.48 12.97
N GLN A 33 -15.31 11.25 14.02
CA GLN A 33 -15.63 12.67 13.92
C GLN A 33 -14.76 13.30 12.85
N PRO A 34 -15.35 14.17 11.98
CA PRO A 34 -14.48 14.88 11.00
C PRO A 34 -13.29 15.59 11.74
N PRO A 35 -12.03 15.38 11.29
CA PRO A 35 -10.94 15.90 12.11
C PRO A 35 -10.57 17.31 11.72
N LEU A 36 -11.47 18.23 12.04
CA LEU A 36 -11.34 19.63 11.65
C LEU A 36 -11.13 20.52 12.86
N GLY A 37 -10.60 21.72 12.62
CA GLY A 37 -10.49 22.74 13.65
C GLY A 37 -9.47 22.30 14.69
N ARG A 38 -9.91 22.22 15.94
CA ARG A 38 -9.04 21.80 17.03
C ARG A 38 -8.65 20.30 16.91
N LEU A 39 -9.33 19.51 16.08
CA LEU A 39 -9.00 18.08 15.86
C LEU A 39 -7.99 17.78 14.73
N ARG A 40 -7.66 18.80 13.92
CA ARG A 40 -6.55 18.66 12.96
C ARG A 40 -5.28 18.23 13.68
N PHE A 41 -4.64 17.17 13.13
CA PHE A 41 -3.41 16.57 13.70
C PHE A 41 -3.60 15.64 14.91
N LYS A 42 -4.83 15.46 15.38
CA LYS A 42 -5.07 14.56 16.52
C LYS A 42 -5.57 13.21 16.05
N LYS A 43 -5.46 12.24 16.94
CA LYS A 43 -6.02 10.95 16.77
C LYS A 43 -7.52 11.12 16.41
N PRO A 44 -8.06 10.18 15.61
CA PRO A 44 -9.46 10.21 15.21
C PRO A 44 -10.26 9.97 16.44
N GLN A 45 -11.32 10.76 16.60
CA GLN A 45 -12.21 10.64 17.76
C GLN A 45 -13.47 9.90 17.34
N SER A 46 -14.05 9.19 18.28
CA SER A 46 -15.12 8.25 17.92
C SER A 46 -16.41 9.01 17.66
N LEU A 47 -17.27 8.43 16.82
CA LEU A 47 -18.35 9.19 16.22
C LEU A 47 -19.67 9.05 16.97
N THR A 48 -20.36 10.20 17.04
CA THR A 48 -21.38 10.51 18.03
C THR A 48 -22.59 9.61 18.00
N LYS A 49 -23.22 9.48 16.83
CA LYS A 49 -24.52 8.77 16.68
C LYS A 49 -25.53 9.63 15.91
N TRP A 50 -26.16 9.06 14.90
CA TRP A 50 -27.22 9.79 14.17
C TRP A 50 -28.55 9.08 14.32
N SER A 51 -29.58 9.89 14.51
CA SER A 51 -30.95 9.45 14.38
C SER A 51 -31.31 9.91 12.99
N ASP A 52 -31.90 9.00 12.23
CA ASP A 52 -32.30 9.12 10.80
C ASP A 52 -31.51 8.15 9.92
N ILE A 53 -31.82 8.12 8.64
CA ILE A 53 -31.18 7.15 7.77
C ILE A 53 -30.05 7.82 7.03
N TRP A 54 -28.81 7.38 7.30
CA TRP A 54 -27.66 7.86 6.59
C TRP A 54 -27.62 7.24 5.19
N ASN A 55 -27.43 8.09 4.19
CA ASN A 55 -27.41 7.64 2.80
C ASN A 55 -26.00 7.30 2.34
N ALA A 56 -25.76 6.04 2.04
CA ALA A 56 -24.42 5.60 1.69
C ALA A 56 -24.43 5.17 0.26
N THR A 57 -24.67 6.10 -0.64
CA THR A 57 -24.97 5.74 -2.00
C THR A 57 -24.03 6.48 -2.96
N LYS A 58 -22.94 7.01 -2.43
CA LYS A 58 -21.90 7.60 -3.31
C LYS A 58 -20.57 7.66 -2.58
N TYR A 59 -19.47 7.54 -3.31
CA TYR A 59 -18.16 7.68 -2.63
C TYR A 59 -18.07 9.03 -1.91
N ALA A 60 -17.33 9.06 -0.81
CA ALA A 60 -17.17 10.30 -0.02
C ALA A 60 -15.94 11.14 -0.45
N ASN A 61 -15.81 12.34 0.09
CA ASN A 61 -14.54 13.06 0.02
C ASN A 61 -13.25 12.21 0.19
N SER A 62 -12.28 12.38 -0.72
CA SER A 62 -10.92 11.90 -0.48
C SER A 62 -10.20 12.91 0.46
N CYS A 63 -9.21 12.46 1.24
CA CYS A 63 -8.42 13.33 2.10
C CYS A 63 -7.51 14.33 1.35
N CYS A 64 -7.23 15.52 1.97
CA CYS A 64 -6.30 16.49 1.39
C CYS A 64 -5.00 15.84 0.96
N GLN A 65 -4.52 16.18 -0.24
CA GLN A 65 -3.30 15.60 -0.81
C GLN A 65 -2.84 16.40 -2.05
N ASN A 66 -1.52 16.46 -2.25
CA ASN A 66 -0.97 16.90 -3.52
C ASN A 66 -1.25 15.86 -4.60
N ILE A 67 -1.32 16.33 -5.83
CA ILE A 67 -1.79 15.52 -6.92
C ILE A 67 -0.64 15.35 -7.90
N ASP A 68 -0.55 14.21 -8.58
CA ASP A 68 0.49 14.02 -9.60
C ASP A 68 0.15 14.81 -10.90
N GLN A 69 0.90 15.88 -11.23
CA GLN A 69 0.66 16.69 -12.47
C GLN A 69 1.79 16.55 -13.47
N SER A 70 2.56 15.47 -13.33
CA SER A 70 3.63 15.19 -14.27
C SER A 70 3.20 14.89 -15.70
N PHE A 71 2.04 14.25 -15.90
CA PHE A 71 1.59 13.85 -17.22
C PHE A 71 0.11 14.18 -17.45
N PRO A 72 -0.24 15.49 -17.47
CA PRO A 72 -1.66 15.80 -17.66
C PRO A 72 -2.24 15.14 -18.93
N GLY A 73 -3.46 14.62 -18.82
CA GLY A 73 -4.21 13.98 -19.95
C GLY A 73 -3.86 12.52 -20.18
N PHE A 74 -2.91 12.01 -19.41
CA PHE A 74 -2.39 10.66 -19.62
C PHE A 74 -2.95 9.68 -18.60
N HIS A 75 -3.65 8.65 -19.09
CA HIS A 75 -4.39 7.76 -18.20
C HIS A 75 -3.48 6.95 -17.27
N GLY A 76 -2.23 6.74 -17.66
CA GLY A 76 -1.28 5.99 -16.86
C GLY A 76 -0.98 6.65 -15.52
N SER A 77 -0.94 8.00 -15.47
CA SER A 77 -0.70 8.63 -14.17
C SER A 77 -2.00 9.01 -13.55
N GLU A 78 -2.90 9.47 -14.38
CA GLU A 78 -4.14 10.02 -13.88
C GLU A 78 -5.14 9.02 -13.26
N MET A 79 -5.10 7.74 -13.65
CA MET A 79 -5.89 6.74 -12.96
C MET A 79 -5.56 6.58 -11.46
N TRP A 80 -4.44 7.14 -10.99
CA TRP A 80 -4.03 7.11 -9.56
C TRP A 80 -4.42 8.37 -8.75
N ASN A 81 -4.88 9.39 -9.46
CA ASN A 81 -5.35 10.65 -8.85
C ASN A 81 -6.74 10.49 -8.29
N PRO A 82 -7.04 11.21 -7.20
CA PRO A 82 -8.32 11.18 -6.50
C PRO A 82 -9.46 11.50 -7.46
N ASN A 83 -10.58 10.80 -7.33
CA ASN A 83 -11.74 10.98 -8.19
C ASN A 83 -12.96 11.45 -7.40
N THR A 84 -12.75 11.99 -6.20
CA THR A 84 -13.80 12.73 -5.49
C THR A 84 -13.19 14.02 -4.91
N ASP A 85 -14.01 14.97 -4.45
CA ASP A 85 -13.50 16.16 -3.77
C ASP A 85 -12.56 15.84 -2.63
N LEU A 86 -11.49 16.65 -2.60
CA LEU A 86 -10.54 16.72 -1.51
C LEU A 86 -11.16 17.57 -0.41
N SER A 87 -11.01 17.10 0.82
CA SER A 87 -11.52 17.79 1.98
C SER A 87 -10.81 17.20 3.23
N GLU A 88 -10.63 18.01 4.27
CA GLU A 88 -10.22 17.45 5.58
C GLU A 88 -11.33 16.55 6.16
N ASP A 89 -12.57 16.74 5.71
CA ASP A 89 -13.66 15.92 6.13
C ASP A 89 -13.70 14.65 5.25
N CYS A 90 -12.88 13.64 5.58
CA CYS A 90 -12.67 12.49 4.70
C CYS A 90 -12.67 11.11 5.42
N LEU A 91 -13.07 11.04 6.68
CA LEU A 91 -12.94 9.76 7.41
C LEU A 91 -14.18 8.92 7.13
N TYR A 92 -14.16 8.24 5.98
CA TYR A 92 -15.30 7.40 5.60
C TYR A 92 -14.80 6.08 5.07
N LEU A 93 -15.73 5.13 4.97
CA LEU A 93 -15.43 3.78 4.53
C LEU A 93 -16.59 3.20 3.66
N ASN A 94 -16.26 2.15 2.88
CA ASN A 94 -17.18 1.51 1.95
C ASN A 94 -17.34 0.01 2.29
N VAL A 95 -18.53 -0.52 2.01
CA VAL A 95 -18.86 -1.95 2.25
C VAL A 95 -19.59 -2.53 1.01
N TRP A 96 -19.07 -3.64 0.47
CA TRP A 96 -19.76 -4.35 -0.59
C TRP A 96 -20.12 -5.71 -0.05
N ILE A 97 -21.40 -6.07 -0.17
CA ILE A 97 -21.85 -7.34 0.37
C ILE A 97 -22.55 -8.13 -0.72
N PRO A 98 -22.41 -9.45 -0.69
CA PRO A 98 -23.12 -10.26 -1.69
C PRO A 98 -24.65 -10.09 -1.47
N ALA A 99 -25.43 -10.38 -2.52
CA ALA A 99 -26.87 -10.46 -2.44
C ALA A 99 -27.30 -11.83 -3.00
N PRO A 100 -28.14 -12.57 -2.29
CA PRO A 100 -28.71 -12.23 -0.98
C PRO A 100 -27.66 -12.13 0.09
N LYS A 101 -27.92 -11.23 1.02
CA LYS A 101 -27.14 -11.03 2.23
C LYS A 101 -26.57 -12.36 2.71
N PRO A 102 -25.25 -12.44 2.93
CA PRO A 102 -24.61 -13.68 3.34
C PRO A 102 -24.91 -13.93 4.82
N LYS A 103 -24.59 -15.12 5.31
CA LYS A 103 -24.81 -15.43 6.72
C LYS A 103 -23.59 -15.12 7.65
N ASN A 104 -22.39 -15.58 7.32
CA ASN A 104 -21.23 -15.35 8.19
C ASN A 104 -19.97 -15.21 7.29
N ALA A 105 -19.99 -14.27 6.37
CA ALA A 105 -18.96 -14.16 5.31
C ALA A 105 -17.63 -13.65 5.83
N THR A 106 -16.55 -14.21 5.29
CA THR A 106 -15.23 -13.68 5.49
C THR A 106 -15.18 -12.25 4.93
N VAL A 107 -14.33 -11.42 5.57
CA VAL A 107 -14.24 -10.02 5.30
C VAL A 107 -12.83 -9.65 4.79
N LEU A 108 -12.77 -8.94 3.66
CA LEU A 108 -11.50 -8.50 3.15
C LEU A 108 -11.42 -6.94 3.25
N ILE A 109 -10.38 -6.43 3.92
CA ILE A 109 -10.26 -4.97 4.16
C ILE A 109 -9.06 -4.41 3.43
N TRP A 110 -9.32 -3.51 2.48
CA TRP A 110 -8.30 -3.03 1.57
C TRP A 110 -7.69 -1.71 2.14
N ILE A 111 -6.35 -1.61 2.19
CA ILE A 111 -5.68 -0.38 2.58
C ILE A 111 -4.85 0.12 1.38
N TYR A 112 -5.27 1.23 0.70
CA TYR A 112 -4.53 1.75 -0.49
C TYR A 112 -3.13 2.28 -0.16
N GLY A 113 -2.26 2.31 -1.19
CA GLY A 113 -0.97 3.00 -1.13
C GLY A 113 -1.02 4.42 -1.72
N GLY A 114 0.17 4.98 -1.93
CA GLY A 114 0.30 6.37 -2.34
C GLY A 114 1.41 7.00 -1.49
N GLY A 115 2.28 6.18 -0.92
CA GLY A 115 3.50 6.80 -0.31
C GLY A 115 3.18 7.40 1.08
N PHE A 116 2.01 7.10 1.66
CA PHE A 116 1.52 7.84 2.82
C PHE A 116 1.30 9.35 2.52
N GLN A 117 1.42 9.77 1.25
CA GLN A 117 1.17 11.16 0.90
C GLN A 117 -0.10 11.25 0.06
N THR A 118 -0.53 10.18 -0.57
CA THR A 118 -1.60 10.25 -1.58
C THR A 118 -2.44 8.98 -1.51
N GLY A 119 -3.54 8.95 -2.31
CA GLY A 119 -4.31 7.76 -2.45
C GLY A 119 -5.74 7.96 -1.97
N THR A 120 -6.65 7.09 -2.44
CA THR A 120 -8.04 7.16 -2.01
C THR A 120 -8.73 5.80 -2.25
N SER A 121 -9.74 5.48 -1.47
CA SER A 121 -10.39 4.16 -1.58
C SER A 121 -11.35 4.07 -2.81
N SER A 122 -11.77 5.22 -3.34
CA SER A 122 -12.75 5.24 -4.42
C SER A 122 -12.17 5.03 -5.81
N LEU A 123 -10.89 4.73 -5.96
CA LEU A 123 -10.34 4.50 -7.30
C LEU A 123 -11.00 3.29 -7.95
N HIS A 124 -11.04 3.33 -9.26
CA HIS A 124 -11.78 2.34 -10.06
C HIS A 124 -11.14 0.95 -9.89
N VAL A 125 -9.82 0.90 -9.74
CA VAL A 125 -9.12 -0.37 -9.67
C VAL A 125 -9.23 -0.98 -8.26
N TYR A 126 -9.92 -0.29 -7.32
CA TYR A 126 -10.20 -0.87 -5.98
C TYR A 126 -11.70 -1.13 -5.72
N ASP A 127 -12.53 -1.12 -6.76
CA ASP A 127 -13.96 -1.37 -6.61
C ASP A 127 -14.13 -2.84 -6.15
N GLY A 128 -14.58 -3.06 -4.90
CA GLY A 128 -14.87 -4.39 -4.40
C GLY A 128 -16.10 -5.18 -4.91
N LYS A 129 -16.86 -4.65 -5.87
CA LYS A 129 -18.07 -5.36 -6.27
C LYS A 129 -17.85 -6.73 -6.96
N PHE A 130 -16.72 -6.86 -7.63
CA PHE A 130 -16.41 -8.06 -8.38
C PHE A 130 -16.08 -9.19 -7.40
N LEU A 131 -15.27 -8.92 -6.38
CA LEU A 131 -14.96 -9.93 -5.34
C LEU A 131 -16.19 -10.35 -4.54
N ALA A 132 -17.08 -9.39 -4.25
CA ALA A 132 -18.27 -9.72 -3.47
C ALA A 132 -19.20 -10.66 -4.29
N ARG A 133 -19.37 -10.34 -5.56
CA ARG A 133 -20.15 -11.16 -6.49
C ARG A 133 -19.58 -12.58 -6.74
N VAL A 134 -18.29 -12.67 -7.06
CA VAL A 134 -17.71 -13.92 -7.52
C VAL A 134 -17.32 -14.84 -6.36
N GLU A 135 -16.77 -14.29 -5.27
CA GLU A 135 -16.26 -15.06 -4.15
C GLU A 135 -17.17 -15.05 -2.91
N ARG A 136 -18.23 -14.24 -2.95
CA ARG A 136 -19.14 -14.13 -1.79
C ARG A 136 -18.44 -13.69 -0.50
N VAL A 137 -17.37 -12.91 -0.65
CA VAL A 137 -16.80 -12.24 0.47
C VAL A 137 -17.39 -10.83 0.59
N ILE A 138 -17.23 -10.23 1.77
CA ILE A 138 -17.58 -8.83 1.99
C ILE A 138 -16.30 -8.05 1.84
N VAL A 139 -16.36 -6.92 1.18
CA VAL A 139 -15.15 -6.13 0.98
C VAL A 139 -15.32 -4.76 1.65
N VAL A 140 -14.35 -4.37 2.47
CA VAL A 140 -14.36 -3.06 3.12
C VAL A 140 -13.11 -2.30 2.70
N SER A 141 -13.23 -0.98 2.52
CA SER A 141 -12.07 -0.08 2.29
C SER A 141 -12.31 1.24 3.00
N MET A 142 -11.27 1.89 3.53
CA MET A 142 -11.46 3.18 4.21
C MET A 142 -10.54 4.27 3.62
N ASN A 143 -10.94 5.56 3.73
CA ASN A 143 -9.99 6.67 3.60
C ASN A 143 -9.29 6.96 4.93
N TYR A 144 -7.97 7.31 4.86
CA TYR A 144 -7.22 7.63 6.05
C TYR A 144 -6.36 8.82 5.70
N ARG A 145 -6.04 9.69 6.68
CA ARG A 145 -5.30 10.93 6.40
C ARG A 145 -3.89 10.64 5.91
N VAL A 146 -3.39 11.45 4.99
CA VAL A 146 -2.08 11.27 4.40
C VAL A 146 -1.26 12.63 4.44
N GLY A 147 0.03 12.60 4.17
CA GLY A 147 0.86 13.83 4.29
C GLY A 147 0.95 14.31 5.72
N ALA A 148 1.26 15.59 5.86
CA ALA A 148 1.41 16.17 7.15
C ALA A 148 0.11 16.06 7.89
N LEU A 149 -1.00 16.17 7.21
CA LEU A 149 -2.29 16.05 7.93
C LEU A 149 -2.45 14.72 8.68
N GLY A 150 -1.83 13.66 8.14
CA GLY A 150 -1.90 12.27 8.67
C GLY A 150 -0.66 11.86 9.48
N PHE A 151 0.49 12.49 9.24
CA PHE A 151 1.70 11.98 9.90
C PHE A 151 2.66 12.98 10.50
N LEU A 152 2.31 14.27 10.50
CA LEU A 152 3.09 15.26 11.29
C LEU A 152 3.37 14.71 12.71
N ALA A 153 4.59 14.88 13.19
CA ALA A 153 4.91 14.38 14.51
C ALA A 153 5.80 15.31 15.31
N LEU A 154 5.38 15.49 16.56
CA LEU A 154 6.18 16.00 17.69
C LEU A 154 6.04 14.89 18.77
N PRO A 155 7.00 13.96 18.80
CA PRO A 155 6.58 12.74 19.50
C PRO A 155 6.38 12.97 21.01
N GLY A 156 5.38 12.25 21.54
CA GLY A 156 4.93 12.44 22.93
C GLY A 156 3.98 13.60 23.19
N ASN A 157 3.75 14.44 22.18
CA ASN A 157 2.85 15.57 22.30
C ASN A 157 1.53 15.27 21.61
N PRO A 158 0.43 15.11 22.40
CA PRO A 158 -0.85 14.61 21.83
C PRO A 158 -1.58 15.57 20.87
N GLU A 159 -1.04 16.77 20.70
CA GLU A 159 -1.57 17.72 19.72
C GLU A 159 -1.12 17.31 18.31
N ALA A 160 -0.01 16.57 18.25
CA ALA A 160 0.57 16.07 16.97
C ALA A 160 1.50 14.91 17.31
N PRO A 161 0.90 13.78 17.72
CA PRO A 161 1.71 12.68 18.25
C PRO A 161 2.36 11.85 17.14
N GLY A 162 1.92 12.02 15.91
CA GLY A 162 2.35 11.13 14.83
C GLY A 162 1.41 9.93 14.59
N ASN A 163 1.50 9.34 13.39
CA ASN A 163 0.80 8.09 13.09
C ASN A 163 -0.74 8.19 13.06
N MET A 164 -1.27 9.39 13.02
CA MET A 164 -2.71 9.62 12.96
C MET A 164 -3.44 8.84 11.82
N GLY A 165 -2.87 8.79 10.62
CA GLY A 165 -3.51 7.99 9.57
C GLY A 165 -3.45 6.48 9.81
N LEU A 166 -2.44 5.99 10.52
CA LEU A 166 -2.47 4.58 10.96
C LEU A 166 -3.60 4.38 12.03
N PHE A 167 -3.76 5.34 12.97
CA PHE A 167 -4.92 5.33 13.87
C PHE A 167 -6.29 5.44 13.12
N ASP A 168 -6.35 6.23 12.04
CA ASP A 168 -7.55 6.27 11.22
C ASP A 168 -7.85 4.84 10.71
N GLN A 169 -6.86 4.21 10.08
CA GLN A 169 -7.01 2.82 9.72
C GLN A 169 -7.47 1.96 10.91
N GLN A 170 -6.89 2.14 12.09
CA GLN A 170 -7.17 1.22 13.17
C GLN A 170 -8.64 1.34 13.61
N LEU A 171 -9.11 2.58 13.63
CA LEU A 171 -10.45 2.85 14.05
C LEU A 171 -11.47 2.29 13.06
N ALA A 172 -11.16 2.27 11.76
CA ALA A 172 -12.03 1.60 10.79
C ALA A 172 -12.07 0.09 11.02
N LEU A 173 -10.93 -0.52 11.36
CA LEU A 173 -10.95 -1.98 11.71
C LEU A 173 -11.85 -2.30 12.93
N GLN A 174 -11.87 -1.38 13.91
CA GLN A 174 -12.77 -1.48 15.06
CA GLN A 174 -12.76 -1.46 15.05
C GLN A 174 -14.22 -1.35 14.61
N TRP A 175 -14.48 -0.47 13.64
CA TRP A 175 -15.84 -0.27 13.17
C TRP A 175 -16.29 -1.62 12.61
N VAL A 176 -15.40 -2.31 11.90
CA VAL A 176 -15.73 -3.61 11.33
C VAL A 176 -15.98 -4.65 12.45
N GLN A 177 -15.17 -4.66 13.49
CA GLN A 177 -15.43 -5.60 14.63
C GLN A 177 -16.82 -5.36 15.22
N LYS A 178 -17.14 -4.11 15.50
CA LYS A 178 -18.46 -3.80 16.09
C LYS A 178 -19.67 -3.91 15.13
N ASN A 179 -19.52 -3.67 13.83
CA ASN A 179 -20.71 -3.55 12.99
C ASN A 179 -20.93 -4.58 11.89
N ILE A 180 -19.90 -5.28 11.49
CA ILE A 180 -20.00 -6.10 10.28
C ILE A 180 -20.96 -7.30 10.37
N ALA A 181 -21.23 -7.82 11.58
CA ALA A 181 -22.21 -8.91 11.70
C ALA A 181 -23.59 -8.52 11.23
N ALA A 182 -23.94 -7.25 11.37
CA ALA A 182 -25.21 -6.69 10.88
C ALA A 182 -25.33 -6.75 9.35
N PHE A 183 -24.20 -6.71 8.67
CA PHE A 183 -24.16 -6.86 7.22
C PHE A 183 -23.97 -8.32 6.76
N GLY A 184 -24.11 -9.28 7.67
CA GLY A 184 -23.80 -10.67 7.35
C GLY A 184 -22.32 -11.12 7.35
N GLY A 185 -21.45 -10.36 8.03
CA GLY A 185 -20.01 -10.67 8.01
C GLY A 185 -19.57 -11.28 9.32
N ASN A 186 -18.44 -11.99 9.28
CA ASN A 186 -17.82 -12.65 10.42
C ASN A 186 -16.60 -11.83 10.92
N PRO A 187 -16.78 -11.01 11.97
CA PRO A 187 -15.64 -10.30 12.59
C PRO A 187 -14.47 -11.25 13.02
N LYS A 188 -14.73 -12.55 13.09
CA LYS A 188 -13.69 -13.51 13.41
C LYS A 188 -12.88 -13.96 12.22
N SER A 189 -13.24 -13.47 11.02
CA SER A 189 -12.58 -13.90 9.82
C SER A 189 -12.39 -12.65 8.98
N VAL A 190 -11.41 -11.83 9.40
CA VAL A 190 -11.04 -10.60 8.70
C VAL A 190 -9.63 -10.67 8.14
N THR A 191 -9.47 -10.44 6.84
CA THR A 191 -8.12 -10.39 6.29
C THR A 191 -7.82 -8.98 5.81
N LEU A 192 -6.69 -8.38 6.25
CA LEU A 192 -6.20 -7.13 5.68
C LEU A 192 -5.43 -7.38 4.38
N PHE A 193 -5.63 -6.50 3.38
CA PHE A 193 -4.78 -6.50 2.23
C PHE A 193 -4.56 -5.08 1.73
N GLY A 194 -3.41 -4.85 1.07
CA GLY A 194 -2.96 -3.53 0.72
C GLY A 194 -1.79 -3.60 -0.20
N GLU A 195 -1.51 -2.50 -0.92
CA GLU A 195 -0.41 -2.47 -1.85
C GLU A 195 0.50 -1.27 -1.55
N SER A 196 1.82 -1.45 -1.66
CA SER A 196 2.80 -0.33 -1.50
C SER A 196 2.68 0.25 -0.08
N ALA A 197 2.46 1.55 0.12
CA ALA A 197 2.35 2.04 1.50
C ALA A 197 1.18 1.36 2.24
N GLY A 198 0.24 0.82 1.46
CA GLY A 198 -0.90 0.16 2.03
C GLY A 198 -0.42 -1.16 2.58
N ALA A 199 0.46 -1.83 1.84
CA ALA A 199 1.10 -3.06 2.35
C ALA A 199 2.00 -2.76 3.57
N ALA A 200 2.72 -1.62 3.54
CA ALA A 200 3.59 -1.34 4.69
C ALA A 200 2.69 -1.16 5.93
N SER A 201 1.54 -0.51 5.76
CA SER A 201 0.50 -0.41 6.79
C SER A 201 0.01 -1.72 7.32
N VAL A 202 -0.37 -2.67 6.44
CA VAL A 202 -0.74 -4.02 6.89
C VAL A 202 0.39 -4.58 7.76
N SER A 203 1.64 -4.33 7.38
CA SER A 203 2.73 -4.96 8.14
C SER A 203 2.85 -4.36 9.54
N LEU A 204 2.61 -3.05 9.66
CA LEU A 204 2.66 -2.35 10.97
C LEU A 204 1.49 -2.76 11.85
N HIS A 205 0.32 -3.04 11.27
CA HIS A 205 -0.74 -3.63 12.08
C HIS A 205 -0.35 -5.03 12.62
N LEU A 206 0.52 -5.79 11.93
CA LEU A 206 0.95 -7.04 12.49
C LEU A 206 1.81 -6.74 13.70
N LEU A 207 2.33 -5.50 13.77
CA LEU A 207 3.24 -5.20 14.85
C LEU A 207 2.57 -4.49 16.02
N SER A 208 1.43 -3.84 15.78
CA SER A 208 0.84 -2.95 16.76
C SER A 208 -0.05 -3.72 17.69
N PRO A 209 0.23 -3.71 19.00
CA PRO A 209 -0.59 -4.54 19.93
C PRO A 209 -2.11 -4.13 19.93
N GLY A 210 -2.41 -2.82 19.74
CA GLY A 210 -3.77 -2.32 19.59
C GLY A 210 -4.53 -2.85 18.37
N SER A 211 -3.83 -3.37 17.35
CA SER A 211 -4.49 -4.01 16.20
C SER A 211 -4.60 -5.51 16.32
N HIS A 212 -3.82 -6.17 17.18
CA HIS A 212 -3.80 -7.67 17.24
C HIS A 212 -5.21 -8.31 17.18
N SER A 213 -6.21 -7.73 17.85
CA SER A 213 -7.53 -8.42 17.93
C SER A 213 -8.52 -7.93 16.92
N LEU A 214 -8.06 -7.11 15.95
CA LEU A 214 -9.00 -6.55 14.98
C LEU A 214 -8.93 -7.25 13.64
N PHE A 215 -8.15 -8.33 13.53
CA PHE A 215 -8.04 -9.03 12.24
C PHE A 215 -7.48 -10.42 12.41
N THR A 216 -7.66 -11.27 11.39
CA THR A 216 -7.21 -12.63 11.43
C THR A 216 -5.87 -12.84 10.63
N ARG A 217 -5.84 -12.40 9.36
CA ARG A 217 -4.60 -12.56 8.63
C ARG A 217 -4.26 -11.45 7.67
N ALA A 218 -3.14 -11.55 6.98
CA ALA A 218 -2.65 -10.36 6.22
C ALA A 218 -2.08 -10.75 4.88
N ILE A 219 -2.26 -9.84 3.92
CA ILE A 219 -1.75 -10.00 2.57
C ILE A 219 -1.00 -8.68 2.24
N LEU A 220 0.28 -8.80 1.86
CA LEU A 220 1.13 -7.62 1.58
C LEU A 220 1.56 -7.57 0.09
N GLN A 221 0.98 -6.69 -0.70
CA GLN A 221 1.32 -6.55 -2.14
C GLN A 221 2.37 -5.45 -2.40
N SER A 222 3.59 -5.83 -2.81
CA SER A 222 4.66 -4.80 -3.03
C SER A 222 4.85 -3.72 -1.90
N GLY A 223 5.07 -4.15 -0.67
CA GLY A 223 5.41 -3.20 0.40
C GLY A 223 5.60 -3.95 1.70
N SER A 224 6.41 -3.40 2.61
CA SER A 224 6.42 -3.90 3.98
C SER A 224 7.17 -2.83 4.76
N PHE A 225 7.03 -2.80 6.11
CA PHE A 225 7.57 -1.61 6.84
C PHE A 225 9.09 -1.56 6.87
N ASN A 226 9.79 -2.63 6.48
CA ASN A 226 11.25 -2.59 6.52
C ASN A 226 11.81 -2.03 5.20
N ALA A 227 10.95 -1.68 4.23
CA ALA A 227 11.40 -0.91 3.02
C ALA A 227 12.02 0.43 3.46
N PRO A 228 12.99 0.95 2.70
CA PRO A 228 13.73 2.11 3.30
C PRO A 228 12.93 3.44 3.28
N TRP A 229 11.88 3.52 2.46
CA TRP A 229 10.93 4.66 2.47
C TRP A 229 9.85 4.53 3.57
N ALA A 230 9.72 3.42 4.27
CA ALA A 230 8.48 3.28 5.08
C ALA A 230 8.43 3.90 6.46
N VAL A 231 9.56 4.07 7.14
CA VAL A 231 9.46 4.60 8.49
C VAL A 231 10.41 5.76 8.75
N THR A 232 9.90 6.90 9.21
CA THR A 232 10.78 8.08 9.42
C THR A 232 11.36 8.02 10.83
N SER A 233 12.64 8.35 10.99
CA SER A 233 13.20 8.39 12.35
C SER A 233 12.67 9.62 13.12
N LEU A 234 12.64 9.53 14.45
CA LEU A 234 12.32 10.69 15.32
C LEU A 234 13.09 11.94 14.94
N TYR A 235 14.38 11.77 14.67
CA TYR A 235 15.23 12.87 14.26
C TYR A 235 14.75 13.54 12.95
N GLU A 236 14.61 12.79 11.86
N GLU A 236 14.60 12.77 11.89
CA GLU A 236 14.09 13.40 10.64
CA GLU A 236 14.09 13.33 10.64
C GLU A 236 12.70 13.99 10.87
C GLU A 236 12.72 13.97 10.88
N ALA A 237 11.87 13.30 11.65
CA ALA A 237 10.49 13.75 11.92
C ALA A 237 10.38 15.16 12.57
N ARG A 238 11.04 15.38 13.71
CA ARG A 238 11.11 16.74 14.31
C ARG A 238 11.70 17.74 13.33
N ASN A 239 12.75 17.35 12.61
CA ASN A 239 13.39 18.29 11.64
C ASN A 239 12.40 18.74 10.57
N ARG A 240 11.49 17.81 10.22
CA ARG A 240 10.49 18.04 9.18
C ARG A 240 9.32 18.86 9.69
N THR A 241 8.85 18.53 10.90
CA THR A 241 7.85 19.35 11.58
C THR A 241 8.33 20.80 11.74
N LEU A 242 9.58 20.99 12.16
CA LEU A 242 10.12 22.36 12.32
C LEU A 242 10.40 23.07 11.01
N ASN A 243 10.92 22.35 10.00
CA ASN A 243 11.07 23.02 8.71
C ASN A 243 9.71 23.47 8.19
N LEU A 244 8.67 22.63 8.33
CA LEU A 244 7.32 23.01 7.92
C LEU A 244 6.87 24.33 8.59
N ALA A 245 7.12 24.47 9.90
CA ALA A 245 6.87 25.73 10.62
C ALA A 245 7.61 26.96 10.06
N LYS A 246 8.92 26.85 9.85
CA LYS A 246 9.71 27.94 9.26
C LYS A 246 8.98 28.41 8.00
N LEU A 247 8.62 27.46 7.14
CA LEU A 247 7.99 27.77 5.86
C LEU A 247 6.60 28.41 5.97
N THR A 248 5.89 28.16 7.07
CA THR A 248 4.55 28.72 7.17
C THR A 248 4.44 29.92 8.08
N GLY A 249 5.57 30.41 8.57
CA GLY A 249 5.56 31.55 9.46
C GLY A 249 5.10 31.10 10.83
N CYS A 250 5.28 29.80 11.13
CA CYS A 250 4.82 29.21 12.38
C CYS A 250 5.94 28.86 13.37
N SER A 251 7.19 29.18 13.06
CA SER A 251 8.26 28.95 14.05
C SER A 251 7.91 29.68 15.36
N ARG A 252 7.88 28.94 16.45
CA ARG A 252 7.50 29.45 17.77
C ARG A 252 8.43 28.84 18.80
N GLU A 253 7.97 28.87 20.03
CA GLU A 253 8.77 28.60 21.20
C GLU A 253 8.17 27.39 21.93
N ASN A 254 6.96 27.56 22.44
CA ASN A 254 6.17 26.48 23.00
C ASN A 254 5.79 25.59 21.83
N GLU A 255 6.12 24.30 21.92
CA GLU A 255 5.76 23.33 20.88
C GLU A 255 4.26 23.30 20.61
N THR A 256 3.44 23.44 21.67
CA THR A 256 1.99 23.41 21.53
C THR A 256 1.55 24.67 20.77
N GLU A 257 2.27 25.77 20.96
CA GLU A 257 2.08 26.98 20.12
C GLU A 257 2.45 26.78 18.63
N ILE A 258 3.45 25.98 18.31
CA ILE A 258 3.68 25.68 16.91
C ILE A 258 2.44 25.01 16.24
N ILE A 259 1.87 24.01 16.93
CA ILE A 259 0.73 23.29 16.41
C ILE A 259 -0.52 24.16 16.28
N LYS A 260 -0.76 25.01 17.26
CA LYS A 260 -1.92 25.92 17.28
C LYS A 260 -1.84 26.88 16.08
N CYS A 261 -0.65 27.45 15.84
CA CYS A 261 -0.43 28.23 14.61
C CYS A 261 -0.82 27.38 13.38
N LEU A 262 -0.26 26.17 13.28
CA LEU A 262 -0.45 25.29 12.13
C LEU A 262 -1.92 24.91 11.89
N ARG A 263 -2.69 24.86 12.96
CA ARG A 263 -4.11 24.63 12.84
C ARG A 263 -4.86 25.80 12.20
N ASN A 264 -4.30 27.02 12.26
CA ASN A 264 -4.91 28.17 11.60
C ASN A 264 -4.61 28.25 10.13
N LYS A 265 -3.60 27.53 9.63
CA LYS A 265 -3.27 27.58 8.20
C LYS A 265 -4.28 26.91 7.30
N ASP A 266 -4.47 27.49 6.11
CA ASP A 266 -5.28 26.86 5.06
C ASP A 266 -4.65 25.53 4.61
N PRO A 267 -5.47 24.47 4.50
CA PRO A 267 -4.89 23.20 4.04
C PRO A 267 -3.95 23.31 2.83
N GLN A 268 -4.23 24.23 1.90
CA GLN A 268 -3.36 24.47 0.73
C GLN A 268 -1.96 24.95 1.11
N GLU A 269 -1.89 25.79 2.14
CA GLU A 269 -0.62 26.31 2.55
C GLU A 269 0.24 25.24 3.18
N ILE A 270 -0.42 24.24 3.81
CA ILE A 270 0.33 23.13 4.33
C ILE A 270 0.75 22.21 3.18
N LEU A 271 -0.15 21.93 2.24
CA LEU A 271 0.22 21.03 1.12
C LEU A 271 1.38 21.56 0.25
N LEU A 272 1.25 22.82 -0.17
CA LEU A 272 2.31 23.51 -0.93
C LEU A 272 3.72 23.37 -0.29
N ASN A 273 3.79 23.46 1.03
CA ASN A 273 5.12 23.45 1.70
C ASN A 273 5.72 22.08 2.00
N GLU A 274 4.87 21.05 2.06
CA GLU A 274 5.27 19.65 2.31
C GLU A 274 6.52 19.17 1.53
N ALA A 275 6.62 19.51 0.23
CA ALA A 275 7.76 19.04 -0.59
C ALA A 275 9.14 19.59 -0.12
N PHE A 276 9.12 20.71 0.58
CA PHE A 276 10.35 21.40 0.90
C PHE A 276 10.91 21.15 2.30
N VAL A 277 10.22 20.38 3.13
CA VAL A 277 10.76 20.12 4.48
C VAL A 277 12.04 19.26 4.44
N VAL A 278 12.34 18.74 3.25
CA VAL A 278 13.46 17.84 3.02
C VAL A 278 14.46 18.59 2.10
N PRO A 279 15.79 18.46 2.36
CA PRO A 279 16.77 19.27 1.57
C PRO A 279 16.96 18.79 0.11
N TYR A 280 16.83 17.48 -0.09
CA TYR A 280 16.80 16.88 -1.43
C TYR A 280 15.91 15.64 -1.43
N GLY A 281 14.92 15.62 -2.29
CA GLY A 281 14.03 14.47 -2.28
C GLY A 281 14.29 13.65 -3.51
N THR A 282 13.74 12.46 -3.52
CA THR A 282 13.90 11.57 -4.62
C THR A 282 12.47 11.29 -5.10
N PRO A 283 12.28 10.59 -6.23
CA PRO A 283 10.89 10.23 -6.60
C PRO A 283 10.18 9.32 -5.59
N LEU A 284 10.90 8.79 -4.61
CA LEU A 284 10.28 7.94 -3.62
C LEU A 284 10.29 8.57 -2.27
N SER A 285 10.42 9.91 -2.18
CA SER A 285 10.43 10.58 -0.88
C SER A 285 9.14 10.36 -0.12
N VAL A 286 9.25 10.08 1.15
CA VAL A 286 8.07 9.99 1.96
C VAL A 286 8.25 11.04 3.04
N ASN A 287 7.79 12.25 2.81
CA ASN A 287 8.17 13.34 3.72
C ASN A 287 7.56 13.21 5.11
N PHE A 288 6.33 12.70 5.18
CA PHE A 288 5.56 12.60 6.39
C PHE A 288 4.93 11.21 6.38
N GLY A 289 5.48 10.31 7.22
CA GLY A 289 5.01 8.95 7.29
C GLY A 289 5.12 8.36 8.68
N PRO A 290 4.99 7.04 8.79
CA PRO A 290 5.01 6.41 10.11
C PRO A 290 6.24 6.76 10.97
N THR A 291 6.08 6.86 12.29
CA THR A 291 7.22 7.07 13.14
C THR A 291 7.08 6.17 14.39
N VAL A 292 8.16 6.01 15.14
CA VAL A 292 8.06 5.33 16.41
C VAL A 292 7.43 6.31 17.44
N ASP A 293 6.13 6.20 17.65
CA ASP A 293 5.43 7.18 18.47
C ASP A 293 5.30 6.74 19.96
N GLY A 294 5.63 5.50 20.27
CA GLY A 294 5.42 4.99 21.62
C GLY A 294 3.97 4.58 21.89
N ASP A 295 3.14 4.49 20.84
CA ASP A 295 1.72 4.28 21.03
C ASP A 295 1.29 3.24 20.03
N PHE A 296 1.13 3.63 18.76
CA PHE A 296 0.89 2.65 17.72
C PHE A 296 2.07 1.67 17.64
N LEU A 297 3.27 2.23 17.59
CA LEU A 297 4.53 1.55 17.39
C LEU A 297 5.38 1.77 18.64
N THR A 298 5.63 0.72 19.41
CA THR A 298 6.30 0.89 20.71
C THR A 298 7.84 0.81 20.66
N ASP A 299 8.42 0.39 19.54
CA ASP A 299 9.89 0.33 19.45
C ASP A 299 10.22 0.38 17.99
N MET A 300 11.50 0.42 17.63
CA MET A 300 11.88 0.40 16.23
C MET A 300 11.48 -0.90 15.55
N PRO A 301 10.76 -0.79 14.46
CA PRO A 301 10.11 -2.00 13.93
C PRO A 301 11.06 -3.14 13.52
N ASP A 302 12.28 -2.81 13.14
CA ASP A 302 13.24 -3.81 12.79
C ASP A 302 13.58 -4.67 14.04
N ILE A 303 13.67 -4.02 15.19
CA ILE A 303 13.85 -4.75 16.48
C ILE A 303 12.67 -5.73 16.81
N LEU A 304 11.42 -5.24 16.67
CA LEU A 304 10.23 -6.09 16.87
C LEU A 304 10.23 -7.29 15.89
N LEU A 305 10.42 -7.01 14.59
CA LEU A 305 10.56 -8.08 13.58
C LEU A 305 11.63 -9.09 14.07
N GLU A 306 12.83 -8.61 14.38
CA GLU A 306 13.93 -9.54 14.61
C GLU A 306 13.66 -10.41 15.84
N LEU A 307 12.98 -9.85 16.85
CA LEU A 307 12.84 -10.60 18.12
C LEU A 307 11.49 -11.19 18.29
N GLY A 308 10.73 -11.20 17.21
CA GLY A 308 9.56 -12.11 17.15
C GLY A 308 8.36 -11.49 17.79
N GLN A 309 8.36 -10.15 17.91
CA GLN A 309 7.29 -9.48 18.68
C GLN A 309 6.25 -9.00 17.70
N PHE A 310 5.40 -9.92 17.20
CA PHE A 310 4.33 -9.52 16.26
C PHE A 310 3.19 -10.57 16.31
N LYS A 311 2.06 -10.27 15.67
CA LYS A 311 0.92 -11.20 15.69
C LYS A 311 1.25 -12.55 14.93
N LYS A 312 0.99 -13.69 15.54
CA LYS A 312 1.27 -15.01 14.98
C LYS A 312 0.05 -15.45 14.15
N THR A 313 0.24 -15.51 12.83
CA THR A 313 -0.81 -15.78 11.87
C THR A 313 -0.14 -16.04 10.51
N GLN A 314 -0.91 -16.39 9.50
CA GLN A 314 -0.38 -16.69 8.17
C GLN A 314 -0.22 -15.38 7.39
N ILE A 315 0.72 -15.31 6.48
CA ILE A 315 0.76 -14.17 5.57
C ILE A 315 0.89 -14.61 4.08
N LEU A 316 0.48 -13.72 3.17
CA LEU A 316 0.67 -13.89 1.76
C LEU A 316 1.43 -12.61 1.30
N VAL A 317 2.57 -12.78 0.66
CA VAL A 317 3.45 -11.63 0.31
C VAL A 317 3.90 -11.78 -1.14
N GLY A 318 3.96 -10.68 -1.85
CA GLY A 318 4.38 -10.75 -3.27
C GLY A 318 4.94 -9.44 -3.85
N VAL A 319 5.52 -9.52 -5.07
CA VAL A 319 6.11 -8.34 -5.74
C VAL A 319 5.96 -8.57 -7.21
N ASN A 320 6.07 -7.47 -7.97
CA ASN A 320 6.04 -7.49 -9.40
C ASN A 320 7.42 -7.51 -9.99
N LYS A 321 7.51 -8.11 -11.17
CA LYS A 321 8.79 -8.26 -11.87
C LYS A 321 9.50 -6.95 -12.15
N ASP A 322 8.77 -5.88 -12.50
CA ASP A 322 9.47 -4.59 -12.72
C ASP A 322 9.05 -3.42 -11.77
N GLU A 323 9.10 -3.63 -10.46
CA GLU A 323 8.76 -2.59 -9.47
C GLU A 323 9.42 -1.22 -9.71
N GLY A 324 10.69 -1.20 -10.10
CA GLY A 324 11.41 0.05 -10.12
C GLY A 324 11.17 0.98 -11.28
N THR A 325 10.60 0.50 -12.40
CA THR A 325 10.61 1.30 -13.64
C THR A 325 9.72 2.59 -13.61
N ALA A 326 8.53 2.49 -13.03
CA ALA A 326 7.58 3.63 -12.88
C ALA A 326 8.27 4.88 -12.32
N PHE A 327 9.22 4.70 -11.42
CA PHE A 327 9.85 5.89 -10.79
C PHE A 327 10.92 6.52 -11.63
N LEU A 328 11.40 5.82 -12.65
CA LEU A 328 12.55 6.40 -13.41
C LEU A 328 12.16 7.64 -14.22
N VAL A 329 10.90 7.68 -14.68
CA VAL A 329 10.41 8.82 -15.46
C VAL A 329 9.97 10.03 -14.62
N TYR A 330 10.24 10.03 -13.31
CA TYR A 330 9.97 11.18 -12.44
C TYR A 330 11.27 11.82 -11.96
N GLY A 331 12.29 11.82 -12.83
CA GLY A 331 13.48 12.59 -12.55
C GLY A 331 14.82 12.02 -12.98
N ALA A 332 14.89 10.73 -13.29
CA ALA A 332 16.14 10.17 -13.82
C ALA A 332 16.47 10.77 -15.21
N PRO A 333 17.70 11.30 -15.41
CA PRO A 333 18.00 11.98 -16.70
C PRO A 333 18.09 10.98 -17.83
N GLY A 334 17.57 11.35 -18.99
CA GLY A 334 17.53 10.48 -20.16
C GLY A 334 16.38 9.49 -20.21
N PHE A 335 15.48 9.47 -19.21
CA PHE A 335 14.31 8.56 -19.25
C PHE A 335 13.07 9.29 -19.80
N SER A 336 12.13 8.54 -20.33
CA SER A 336 10.91 9.17 -20.88
C SER A 336 9.88 8.11 -21.15
N LYS A 337 8.62 8.37 -20.85
CA LYS A 337 7.59 7.39 -21.23
C LYS A 337 7.38 7.36 -22.76
N ASP A 338 7.84 8.40 -23.47
CA ASP A 338 7.56 8.55 -24.93
C ASP A 338 8.72 8.17 -25.89
N ASN A 339 9.73 7.47 -25.34
CA ASN A 339 10.80 6.83 -26.13
C ASN A 339 11.37 5.66 -25.33
N ASN A 340 12.35 4.96 -25.92
CA ASN A 340 12.87 3.70 -25.39
C ASN A 340 13.90 3.82 -24.26
N SER A 341 14.28 5.05 -23.95
CA SER A 341 15.05 5.38 -22.78
C SER A 341 16.42 4.69 -22.69
N ILE A 342 17.03 4.45 -23.86
CA ILE A 342 18.39 3.91 -23.89
C ILE A 342 19.33 4.94 -23.21
N ILE A 343 19.91 4.63 -22.06
CA ILE A 343 20.77 5.62 -21.41
C ILE A 343 22.25 5.22 -21.42
N THR A 344 23.17 6.19 -21.23
CA THR A 344 24.60 5.88 -21.15
C THR A 344 25.06 5.54 -19.69
N ARG A 345 26.28 5.03 -19.58
CA ARG A 345 26.98 4.88 -18.33
C ARG A 345 26.87 6.14 -17.48
N LYS A 346 27.12 7.29 -18.09
CA LYS A 346 27.11 8.55 -17.35
C LYS A 346 25.73 8.95 -16.85
N GLU A 347 24.70 8.75 -17.67
CA GLU A 347 23.32 8.94 -17.21
C GLU A 347 22.91 8.03 -16.04
N PHE A 348 23.27 6.74 -16.11
CA PHE A 348 23.15 5.78 -14.97
C PHE A 348 23.74 6.36 -13.69
N GLN A 349 25.01 6.80 -13.74
CA GLN A 349 25.65 7.48 -12.60
C GLN A 349 24.85 8.68 -12.03
N GLU A 350 24.45 9.61 -12.92
CA GLU A 350 23.56 10.72 -12.55
C GLU A 350 22.27 10.23 -11.92
N GLY A 351 21.71 9.13 -12.44
CA GLY A 351 20.53 8.54 -11.88
C GLY A 351 20.68 7.99 -10.45
N LEU A 352 21.86 7.43 -10.13
CA LEU A 352 22.16 7.00 -8.75
C LEU A 352 22.23 8.23 -7.85
N LYS A 353 22.74 9.36 -8.39
CA LYS A 353 22.70 10.59 -7.60
C LYS A 353 21.24 10.98 -7.30
N ILE A 354 20.34 10.88 -8.29
CA ILE A 354 18.94 11.23 -8.05
C ILE A 354 18.30 10.28 -7.01
N PHE A 355 18.59 9.00 -7.09
CA PHE A 355 17.91 8.07 -6.19
C PHE A 355 18.56 7.81 -4.83
N PHE A 356 19.85 8.12 -4.68
CA PHE A 356 20.61 7.87 -3.46
C PHE A 356 21.39 9.16 -3.06
N PRO A 357 20.66 10.26 -2.86
CA PRO A 357 21.29 11.56 -2.67
C PRO A 357 22.07 11.69 -1.38
N GLY A 358 21.66 11.02 -0.30
CA GLY A 358 22.50 11.14 0.94
C GLY A 358 23.73 10.20 1.01
N VAL A 359 23.95 9.41 -0.04
CA VAL A 359 24.85 8.28 0.04
C VAL A 359 26.28 8.70 -0.35
N SER A 360 27.29 8.11 0.29
CA SER A 360 28.68 8.46 -0.03
C SER A 360 29.06 8.07 -1.49
N GLU A 361 30.13 8.63 -1.98
CA GLU A 361 30.69 8.22 -3.28
C GLU A 361 30.96 6.73 -3.36
N PHE A 362 31.57 6.17 -2.32
CA PHE A 362 31.83 4.72 -2.26
C PHE A 362 30.53 3.93 -2.27
N GLY A 363 29.54 4.37 -1.51
CA GLY A 363 28.24 3.70 -1.50
C GLY A 363 27.69 3.63 -2.90
N LYS A 364 27.78 4.73 -3.63
CA LYS A 364 27.27 4.74 -5.01
C LYS A 364 28.12 3.91 -5.97
N GLU A 365 29.44 3.98 -5.91
CA GLU A 365 30.25 3.08 -6.72
C GLU A 365 29.90 1.58 -6.43
N SER A 366 29.57 1.25 -5.18
CA SER A 366 29.36 -0.16 -4.85
C SER A 366 28.10 -0.66 -5.56
N ILE A 367 27.12 0.22 -5.69
CA ILE A 367 25.93 -0.10 -6.47
C ILE A 367 26.29 -0.32 -7.97
N LEU A 368 27.07 0.59 -8.51
CA LEU A 368 27.40 0.53 -9.92
C LEU A 368 28.07 -0.82 -10.11
N PHE A 369 28.96 -1.15 -9.20
CA PHE A 369 29.75 -2.37 -9.31
C PHE A 369 28.91 -3.64 -9.32
N HIS A 370 27.96 -3.74 -8.40
CA HIS A 370 27.11 -4.94 -8.29
CA HIS A 370 27.20 -4.97 -8.32
C HIS A 370 26.17 -5.10 -9.47
N TYR A 371 25.77 -3.98 -10.06
CA TYR A 371 24.76 -4.04 -11.11
C TYR A 371 25.27 -3.84 -12.53
N THR A 372 26.58 -3.71 -12.73
CA THR A 372 27.05 -3.48 -14.12
C THR A 372 28.09 -4.46 -14.62
N ASP A 373 28.21 -5.60 -13.98
CA ASP A 373 29.03 -6.65 -14.54
C ASP A 373 28.20 -7.38 -15.61
N TRP A 374 28.33 -6.94 -16.87
CA TRP A 374 27.46 -7.39 -17.93
C TRP A 374 27.77 -8.79 -18.41
N VAL A 375 26.66 -9.50 -18.70
CA VAL A 375 26.66 -10.84 -19.28
C VAL A 375 25.73 -10.85 -20.50
N ASP A 376 26.23 -10.39 -21.67
CA ASP A 376 27.51 -9.66 -21.82
C ASP A 376 27.50 -8.88 -23.14
N ASP A 377 26.82 -9.43 -24.18
CA ASP A 377 26.74 -8.80 -25.52
C ASP A 377 26.72 -7.31 -25.21
N GLN A 378 27.36 -6.46 -26.00
CA GLN A 378 27.13 -5.02 -25.71
C GLN A 378 25.76 -4.44 -26.13
N ARG A 379 24.73 -4.98 -25.48
CA ARG A 379 23.32 -4.56 -25.51
C ARG A 379 23.12 -3.11 -25.06
N PRO A 380 22.47 -2.31 -25.90
CA PRO A 380 22.33 -0.88 -25.59
C PRO A 380 21.44 -0.56 -24.38
N GLU A 381 20.52 -1.48 -24.03
CA GLU A 381 19.62 -1.27 -22.89
C GLU A 381 20.20 -1.71 -21.55
N ASN A 382 21.47 -2.11 -21.51
CA ASN A 382 22.12 -2.62 -20.27
C ASN A 382 21.90 -1.65 -19.10
N TYR A 383 22.26 -0.39 -19.34
CA TYR A 383 22.14 0.60 -18.28
C TYR A 383 20.68 0.93 -17.89
N ARG A 384 19.80 1.10 -18.89
CA ARG A 384 18.38 1.28 -18.61
C ARG A 384 17.76 0.16 -17.70
N GLU A 385 18.03 -1.08 -18.02
CA GLU A 385 17.49 -2.17 -17.23
C GLU A 385 18.13 -2.19 -15.90
N ALA A 386 19.43 -1.90 -15.82
CA ALA A 386 20.12 -1.97 -14.49
C ALA A 386 19.54 -0.95 -13.52
N LEU A 387 19.21 0.25 -14.03
CA LEU A 387 18.69 1.29 -13.13
C LEU A 387 17.29 0.98 -12.58
N GLY A 388 16.38 0.47 -13.42
CA GLY A 388 15.13 -0.04 -12.87
C GLY A 388 15.34 -1.17 -11.88
N ASP A 389 16.27 -2.10 -12.15
CA ASP A 389 16.53 -3.20 -11.14
C ASP A 389 17.03 -2.66 -9.80
N VAL A 390 17.97 -1.73 -9.88
CA VAL A 390 18.45 -1.08 -8.68
C VAL A 390 17.27 -0.53 -7.88
N VAL A 391 16.43 0.29 -8.51
CA VAL A 391 15.35 0.93 -7.75
C VAL A 391 14.31 -0.08 -7.18
N GLY A 392 13.98 -1.13 -7.95
CA GLY A 392 13.00 -2.09 -7.48
C GLY A 392 13.56 -3.01 -6.39
N ASP A 393 14.83 -3.43 -6.52
CA ASP A 393 15.39 -4.35 -5.55
C ASP A 393 15.53 -3.66 -4.18
N TYR A 394 16.05 -2.45 -4.17
CA TYR A 394 16.34 -1.75 -2.92
C TYR A 394 15.06 -1.37 -2.23
N ASN A 395 14.13 -0.80 -2.99
CA ASN A 395 12.88 -0.26 -2.41
C ASN A 395 11.75 -1.27 -2.13
N PHE A 396 11.69 -2.37 -2.91
CA PHE A 396 10.53 -3.28 -2.81
C PHE A 396 10.85 -4.76 -2.61
N ILE A 397 11.61 -5.35 -3.53
CA ILE A 397 11.70 -6.80 -3.57
C ILE A 397 12.58 -7.35 -2.40
N CYS A 398 13.79 -6.85 -2.23
CA CYS A 398 14.57 -7.36 -1.15
C CYS A 398 13.95 -7.10 0.26
N PRO A 399 13.34 -5.92 0.52
CA PRO A 399 12.69 -5.79 1.83
C PRO A 399 11.48 -6.76 1.99
N ALA A 400 10.75 -7.01 0.89
CA ALA A 400 9.64 -7.99 0.98
C ALA A 400 10.15 -9.39 1.28
N LEU A 401 11.25 -9.79 0.64
CA LEU A 401 11.73 -11.16 0.83
C LEU A 401 12.29 -11.27 2.25
N GLU A 402 12.93 -10.21 2.71
CA GLU A 402 13.52 -10.24 4.01
C GLU A 402 12.44 -10.24 5.13
N PHE A 403 11.41 -9.42 5.00
CA PHE A 403 10.26 -9.48 5.88
C PHE A 403 9.69 -10.95 5.93
N THR A 404 9.56 -11.58 4.76
CA THR A 404 8.96 -12.90 4.69
C THR A 404 9.83 -13.93 5.42
N LYS A 405 11.15 -13.93 5.20
CA LYS A 405 12.05 -14.80 5.95
C LYS A 405 11.92 -14.65 7.44
N LYS A 406 12.03 -13.40 7.94
CA LYS A 406 12.08 -13.22 9.41
CA LYS A 406 12.05 -13.17 9.41
C LYS A 406 10.74 -13.61 10.05
N PHE A 407 9.64 -13.31 9.39
CA PHE A 407 8.33 -13.63 9.90
C PHE A 407 8.09 -15.15 10.00
N SER A 408 8.50 -15.88 8.97
CA SER A 408 8.23 -17.30 8.94
C SER A 408 9.19 -18.05 9.86
N GLU A 409 10.32 -17.44 10.25
CA GLU A 409 11.16 -18.05 11.28
C GLU A 409 10.50 -18.21 12.66
N TRP A 410 9.38 -17.60 12.91
CA TRP A 410 8.80 -17.77 14.20
C TRP A 410 7.68 -18.74 14.08
N GLY A 411 7.65 -19.57 13.04
CA GLY A 411 6.74 -20.74 13.09
C GLY A 411 5.46 -20.55 12.25
N ASN A 412 5.22 -19.38 11.68
CA ASN A 412 3.97 -19.29 10.90
CA ASN A 412 4.04 -19.06 10.87
C ASN A 412 4.11 -19.56 9.41
N ASN A 413 3.03 -20.12 8.85
CA ASN A 413 2.95 -20.36 7.38
C ASN A 413 3.03 -19.07 6.53
N ALA A 414 3.90 -19.03 5.51
CA ALA A 414 3.94 -17.86 4.62
C ALA A 414 3.93 -18.29 3.19
N PHE A 415 3.33 -17.47 2.34
CA PHE A 415 3.26 -17.79 0.88
C PHE A 415 3.81 -16.62 0.10
N PHE A 416 4.68 -16.88 -0.87
CA PHE A 416 5.33 -15.73 -1.59
C PHE A 416 5.10 -15.88 -3.12
N TYR A 417 4.75 -14.76 -3.78
CA TYR A 417 4.44 -14.84 -5.24
C TYR A 417 5.29 -13.82 -5.98
N TYR A 418 5.60 -14.13 -7.24
CA TYR A 418 6.29 -13.17 -8.10
C TYR A 418 5.38 -12.94 -9.30
N PHE A 419 4.80 -11.76 -9.41
CA PHE A 419 3.82 -11.43 -10.46
C PHE A 419 4.53 -10.97 -11.74
N GLU A 420 4.29 -11.68 -12.85
CA GLU A 420 5.09 -11.38 -14.03
C GLU A 420 4.27 -11.20 -15.30
N HIS A 421 3.02 -10.79 -15.14
CA HIS A 421 2.22 -10.52 -16.32
C HIS A 421 2.03 -9.03 -16.56
N ARG A 422 2.38 -8.59 -17.77
CA ARG A 422 2.14 -7.20 -18.21
C ARG A 422 0.75 -7.04 -18.84
N SER A 423 -0.13 -6.26 -18.21
CA SER A 423 -1.50 -6.03 -18.71
C SER A 423 -1.52 -5.68 -20.24
N SER A 424 -2.37 -6.32 -21.03
CA SER A 424 -2.51 -6.02 -22.47
C SER A 424 -2.98 -4.57 -22.71
N LYS A 425 -3.51 -3.95 -21.67
CA LYS A 425 -4.06 -2.61 -21.75
C LYS A 425 -3.08 -1.53 -21.15
N LEU A 426 -1.96 -1.94 -20.55
CA LEU A 426 -0.99 -0.98 -19.99
C LEU A 426 -0.72 0.26 -20.88
N PRO A 427 -1.08 1.46 -20.39
CA PRO A 427 -0.80 2.68 -21.23
C PRO A 427 0.67 3.18 -21.13
N TRP A 428 1.43 2.71 -20.16
CA TRP A 428 2.88 3.02 -20.13
C TRP A 428 3.61 2.18 -21.20
N PRO A 429 4.77 2.63 -21.67
CA PRO A 429 5.41 1.87 -22.78
C PRO A 429 6.12 0.56 -22.33
N GLU A 430 6.50 -0.25 -23.30
CA GLU A 430 6.90 -1.64 -23.07
C GLU A 430 8.12 -1.83 -22.25
N TRP A 431 9.11 -0.95 -22.44
CA TRP A 431 10.35 -1.03 -21.69
C TRP A 431 10.08 -0.96 -20.19
N MET A 432 8.92 -0.45 -19.81
CA MET A 432 8.66 -0.41 -18.37
C MET A 432 8.17 -1.73 -17.82
N GLY A 433 7.76 -2.67 -18.68
CA GLY A 433 7.49 -4.07 -18.27
C GLY A 433 6.30 -4.23 -17.31
N VAL A 434 6.46 -5.06 -16.26
CA VAL A 434 5.38 -5.44 -15.34
C VAL A 434 5.45 -4.51 -14.16
N MET A 435 4.71 -3.42 -14.27
CA MET A 435 5.01 -2.30 -13.41
C MET A 435 4.45 -2.43 -12.01
N HIS A 436 5.01 -1.62 -11.11
CA HIS A 436 4.48 -1.39 -9.76
C HIS A 436 3.05 -0.94 -9.83
N GLY A 437 2.13 -1.64 -9.13
CA GLY A 437 0.67 -1.28 -9.02
C GLY A 437 -0.24 -1.97 -10.01
N TYR A 438 0.32 -2.72 -10.93
CA TYR A 438 -0.50 -3.24 -12.05
C TYR A 438 -0.85 -4.70 -11.90
N GLU A 439 -0.68 -5.23 -10.67
CA GLU A 439 -1.35 -6.47 -10.26
C GLU A 439 -2.73 -6.21 -9.66
N ILE A 440 -2.95 -4.97 -9.20
CA ILE A 440 -4.10 -4.65 -8.36
C ILE A 440 -5.41 -4.98 -9.11
N GLU A 441 -5.52 -4.49 -10.35
CA GLU A 441 -6.64 -4.82 -11.20
C GLU A 441 -6.86 -6.34 -11.37
N PHE A 442 -5.83 -7.17 -11.28
CA PHE A 442 -6.06 -8.63 -11.35
C PHE A 442 -6.63 -9.14 -10.04
N VAL A 443 -6.09 -8.62 -8.92
CA VAL A 443 -6.58 -8.99 -7.58
C VAL A 443 -8.10 -8.61 -7.42
N PHE A 444 -8.54 -7.46 -7.97
CA PHE A 444 -9.93 -7.01 -7.79
C PHE A 444 -10.85 -7.59 -8.88
N GLY A 445 -10.24 -8.30 -9.80
CA GLY A 445 -11.08 -9.05 -10.74
C GLY A 445 -11.66 -8.19 -11.88
N LEU A 446 -11.01 -7.08 -12.23
CA LEU A 446 -11.50 -6.31 -13.37
C LEU A 446 -11.53 -7.08 -14.69
N PRO A 447 -10.53 -7.97 -14.92
CA PRO A 447 -10.60 -8.66 -16.22
C PRO A 447 -11.69 -9.68 -16.29
N LEU A 448 -12.27 -10.08 -15.16
CA LEU A 448 -13.54 -10.89 -15.21
C LEU A 448 -14.63 -10.20 -16.08
N GLU A 449 -14.52 -8.88 -16.25
CA GLU A 449 -15.51 -8.13 -17.08
C GLU A 449 -15.13 -8.19 -18.56
N ARG A 450 -15.80 -9.15 -19.21
CA ARG A 450 -15.66 -9.51 -20.64
C ARG A 450 -15.84 -8.31 -21.59
N ARG A 451 -16.92 -7.56 -21.36
CA ARG A 451 -17.17 -6.30 -22.09
C ARG A 451 -16.07 -5.24 -21.92
N ASP A 452 -14.93 -5.62 -21.32
CA ASP A 452 -13.84 -4.67 -20.97
C ASP A 452 -12.52 -4.74 -21.80
N GLN A 453 -12.42 -5.64 -22.79
CA GLN A 453 -11.20 -5.69 -23.68
C GLN A 453 -9.83 -6.18 -23.06
N TYR A 454 -9.84 -6.76 -21.87
CA TYR A 454 -8.72 -7.67 -21.51
C TYR A 454 -8.83 -8.97 -22.36
N THR A 455 -7.77 -9.76 -22.45
CA THR A 455 -7.83 -10.98 -23.29
C THR A 455 -8.47 -12.12 -22.49
N LYS A 456 -8.81 -13.19 -23.19
CA LYS A 456 -9.26 -14.42 -22.54
C LYS A 456 -8.23 -14.95 -21.50
N ALA A 457 -6.93 -14.94 -21.83
CA ALA A 457 -5.94 -15.49 -20.91
C ALA A 457 -5.92 -14.63 -19.67
N GLU A 458 -6.30 -13.37 -19.82
CA GLU A 458 -6.23 -12.47 -18.69
C GLU A 458 -7.41 -12.68 -17.74
N GLU A 459 -8.57 -12.96 -18.29
CA GLU A 459 -9.74 -13.31 -17.50
C GLU A 459 -9.46 -14.54 -16.60
N ILE A 460 -8.84 -15.54 -17.21
CA ILE A 460 -8.53 -16.78 -16.54
C ILE A 460 -7.45 -16.60 -15.43
N LEU A 461 -6.39 -15.83 -15.71
CA LEU A 461 -5.38 -15.52 -14.68
C LEU A 461 -6.06 -14.72 -13.54
N SER A 462 -6.94 -13.76 -13.88
CA SER A 462 -7.52 -12.99 -12.78
C SER A 462 -8.46 -13.86 -11.90
N ARG A 463 -9.16 -14.75 -12.57
CA ARG A 463 -10.10 -15.68 -11.93
C ARG A 463 -9.37 -16.64 -11.00
N SER A 464 -8.18 -17.06 -11.40
CA SER A 464 -7.40 -17.92 -10.54
C SER A 464 -6.80 -17.12 -9.30
N ILE A 465 -6.32 -15.89 -9.52
CA ILE A 465 -5.77 -15.03 -8.44
C ILE A 465 -6.90 -14.68 -7.41
N VAL A 466 -8.05 -14.24 -7.94
CA VAL A 466 -9.24 -14.03 -7.10
C VAL A 466 -9.60 -15.21 -6.14
N LYS A 467 -9.63 -16.42 -6.70
CA LYS A 467 -9.89 -17.63 -5.94
C LYS A 467 -8.77 -17.88 -4.92
N ARG A 468 -7.51 -17.71 -5.34
CA ARG A 468 -6.39 -17.89 -4.39
C ARG A 468 -6.42 -16.92 -3.19
N TRP A 469 -6.61 -15.61 -3.47
CA TRP A 469 -6.77 -14.59 -2.42
C TRP A 469 -7.95 -14.95 -1.54
N ALA A 470 -9.02 -15.51 -2.11
CA ALA A 470 -10.22 -15.74 -1.34
C ALA A 470 -10.04 -16.94 -0.42
N ASN A 471 -9.49 -18.02 -0.97
CA ASN A 471 -9.10 -19.15 -0.15
C ASN A 471 -8.11 -18.80 0.98
N PHE A 472 -7.15 -17.92 0.72
CA PHE A 472 -6.23 -17.50 1.76
C PHE A 472 -7.02 -16.84 2.89
N ALA A 473 -7.87 -15.88 2.55
CA ALA A 473 -8.70 -15.19 3.52
C ALA A 473 -9.61 -16.13 4.36
N LYS A 474 -10.39 -16.97 3.68
CA LYS A 474 -11.27 -17.89 4.38
C LYS A 474 -10.51 -18.97 5.17
N TYR A 475 -9.45 -19.55 4.55
CA TYR A 475 -8.89 -20.87 4.99
C TYR A 475 -7.42 -20.84 5.36
N GLY A 476 -6.81 -19.66 5.19
CA GLY A 476 -5.40 -19.50 5.36
C GLY A 476 -4.47 -20.26 4.45
N ASN A 477 -4.94 -20.62 3.24
CA ASN A 477 -4.13 -21.43 2.29
C ASN A 477 -4.44 -21.06 0.83
N PRO A 478 -3.53 -20.37 0.10
CA PRO A 478 -3.99 -19.74 -1.15
C PRO A 478 -3.97 -20.70 -2.36
N GLN A 479 -4.71 -21.80 -2.25
CA GLN A 479 -4.73 -22.84 -3.28
C GLN A 479 -5.90 -22.59 -4.22
N GLU A 480 -5.79 -23.09 -5.45
CA GLU A 480 -6.95 -23.14 -6.35
C GLU A 480 -7.16 -24.61 -6.50
N THR A 481 -8.13 -25.18 -5.83
CA THR A 481 -8.13 -26.70 -5.75
C THR A 481 -8.86 -27.47 -6.89
N GLN A 482 -9.56 -26.79 -7.80
CA GLN A 482 -10.43 -27.55 -8.69
C GLN A 482 -9.91 -27.77 -10.11
N ASN A 483 -8.94 -26.97 -10.53
CA ASN A 483 -8.60 -26.93 -11.95
C ASN A 483 -7.17 -27.41 -12.30
N GLN A 484 -6.75 -28.52 -11.69
CA GLN A 484 -5.38 -29.07 -11.83
C GLN A 484 -4.30 -27.96 -11.67
N SER A 485 -4.45 -27.15 -10.66
CA SER A 485 -3.51 -26.04 -10.54
C SER A 485 -2.24 -26.42 -9.81
N THR A 486 -1.19 -25.63 -10.07
CA THR A 486 0.06 -25.75 -9.34
C THR A 486 -0.25 -25.48 -7.86
N SER A 487 0.23 -26.36 -7.02
CA SER A 487 0.05 -26.24 -5.59
C SER A 487 1.08 -25.20 -5.04
N TRP A 488 0.63 -24.23 -4.22
CA TRP A 488 1.45 -23.14 -3.76
C TRP A 488 2.11 -23.63 -2.45
N PRO A 489 3.42 -23.89 -2.45
CA PRO A 489 4.15 -24.31 -1.24
C PRO A 489 4.41 -23.21 -0.26
N VAL A 490 4.50 -23.54 1.03
CA VAL A 490 4.85 -22.53 1.99
C VAL A 490 6.33 -22.09 1.83
N PHE A 491 6.55 -20.82 2.08
CA PHE A 491 7.89 -20.20 2.06
C PHE A 491 8.60 -20.44 3.39
N LYS A 492 9.76 -21.08 3.36
CA LYS A 492 10.58 -21.25 4.55
C LYS A 492 11.98 -20.68 4.34
N SER A 493 12.58 -20.29 5.45
CA SER A 493 14.02 -19.99 5.46
C SER A 493 14.62 -21.29 5.05
N THR A 494 15.74 -21.22 4.38
CA THR A 494 16.39 -22.41 3.85
C THR A 494 15.89 -22.61 2.44
N GLU A 495 14.70 -23.13 2.20
CA GLU A 495 14.33 -23.36 0.77
C GLU A 495 13.82 -22.17 -0.03
N GLN A 496 13.04 -21.33 0.61
CA GLN A 496 12.56 -20.07 0.00
C GLN A 496 11.82 -20.28 -1.32
N LYS A 497 10.89 -21.24 -1.33
CA LYS A 497 10.03 -21.45 -2.49
C LYS A 497 9.04 -20.33 -2.68
N TYR A 498 8.81 -19.97 -3.94
CA TYR A 498 7.79 -19.00 -4.28
C TYR A 498 7.09 -19.41 -5.55
N LEU A 499 5.93 -18.85 -5.78
CA LEU A 499 5.10 -19.17 -6.95
C LEU A 499 5.10 -18.02 -8.04
N THR A 500 5.23 -18.34 -9.32
CA THR A 500 5.13 -17.30 -10.34
C THR A 500 3.68 -17.19 -10.84
N LEU A 501 3.21 -15.96 -11.05
CA LEU A 501 1.85 -15.69 -11.56
C LEU A 501 2.01 -15.06 -12.93
N ASN A 502 1.53 -15.80 -13.89
CA ASN A 502 1.57 -15.43 -15.25
C ASN A 502 0.48 -16.12 -16.05
N THR A 503 0.43 -15.73 -17.29
CA THR A 503 -0.61 -16.10 -18.15
C THR A 503 -0.32 -17.49 -18.71
N GLU A 504 0.95 -17.85 -18.88
CA GLU A 504 1.21 -19.21 -19.44
C GLU A 504 1.39 -20.25 -18.34
N SER A 505 2.59 -20.31 -17.75
CA SER A 505 2.95 -21.47 -16.96
C SER A 505 3.26 -21.00 -15.55
N THR A 506 2.46 -21.46 -14.61
CA THR A 506 2.64 -21.20 -13.23
C THR A 506 3.75 -22.12 -12.69
N ARG A 507 4.78 -21.54 -12.07
CA ARG A 507 5.93 -22.33 -11.67
C ARG A 507 6.31 -22.09 -10.25
N ILE A 508 6.83 -23.16 -9.63
CA ILE A 508 7.50 -22.99 -8.36
CA ILE A 508 7.49 -23.07 -8.34
C ILE A 508 9.00 -22.84 -8.58
N MET A 509 9.54 -21.81 -7.95
CA MET A 509 10.94 -21.43 -8.06
CA MET A 509 10.95 -21.47 -8.06
C MET A 509 11.53 -21.19 -6.67
N THR A 510 12.83 -20.97 -6.59
CA THR A 510 13.52 -20.82 -5.29
C THR A 510 14.48 -19.64 -5.27
N LYS A 511 14.57 -18.98 -4.11
CA LYS A 511 15.62 -17.99 -3.84
C LYS A 511 15.61 -16.83 -4.78
N LEU A 512 14.46 -16.16 -4.87
CA LEU A 512 14.33 -14.96 -5.74
C LEU A 512 15.42 -13.91 -5.45
N ARG A 513 16.05 -13.41 -6.51
CA ARG A 513 17.10 -12.38 -6.50
C ARG A 513 18.14 -12.63 -5.44
N ALA A 514 18.58 -13.88 -5.26
CA ALA A 514 19.49 -14.24 -4.16
C ALA A 514 20.72 -13.30 -4.09
N GLN A 515 21.45 -13.13 -5.19
CA GLN A 515 22.70 -12.31 -5.23
C GLN A 515 22.44 -10.85 -4.95
N GLN A 516 21.36 -10.30 -5.52
CA GLN A 516 21.03 -8.91 -5.33
C GLN A 516 20.65 -8.57 -3.93
N CYS A 517 19.85 -9.42 -3.33
CA CYS A 517 19.42 -9.18 -1.98
C CYS A 517 20.55 -9.37 -0.98
N ARG A 518 21.54 -10.23 -1.24
CA ARG A 518 22.74 -10.29 -0.33
C ARG A 518 23.40 -8.94 -0.29
N PHE A 519 23.47 -8.29 -1.45
CA PHE A 519 24.02 -6.92 -1.55
C PHE A 519 23.20 -5.90 -0.73
N TRP A 520 21.90 -5.82 -0.96
CA TRP A 520 21.08 -4.76 -0.35
C TRP A 520 20.93 -4.99 1.15
N THR A 521 20.85 -6.26 1.53
CA THR A 521 20.49 -6.66 2.87
C THR A 521 21.67 -6.83 3.80
N SER A 522 22.87 -7.15 3.29
CA SER A 522 24.03 -7.44 4.18
C SER A 522 25.18 -6.59 3.91
N PHE A 523 25.24 -6.04 2.73
CA PHE A 523 26.27 -5.09 2.60
C PHE A 523 25.78 -3.62 2.72
N PHE A 524 24.91 -3.22 1.79
CA PHE A 524 24.54 -1.79 1.66
C PHE A 524 24.18 -1.02 2.97
N PRO A 525 23.42 -1.66 3.91
CA PRO A 525 23.08 -0.97 5.16
C PRO A 525 24.31 -0.44 5.90
N LYS A 526 25.49 -1.06 5.73
CA LYS A 526 26.67 -0.59 6.44
C LYS A 526 27.15 0.75 5.86
N VAL A 527 26.75 1.03 4.63
CA VAL A 527 27.41 2.11 3.86
C VAL A 527 27.18 3.53 4.45
C1 NAG B . 14.08 10.30 -24.69
C2 NAG B . 15.37 10.65 -25.40
C3 NAG B . 16.25 11.48 -24.43
C4 NAG B . 15.57 12.75 -23.93
C5 NAG B . 14.29 12.24 -23.30
C6 NAG B . 13.34 13.17 -22.54
C7 NAG B . 15.93 8.72 -26.90
C8 NAG B . 15.22 9.25 -28.12
N2 NAG B . 15.98 9.40 -25.75
O3 NAG B . 17.50 11.76 -25.02
O4 NAG B . 16.37 13.30 -22.91
O5 NAG B . 13.54 11.53 -24.25
O6 NAG B . 13.25 14.53 -22.93
O7 NAG B . 16.51 7.64 -27.00
C1 NAG B . 16.75 14.66 -23.13
C2 NAG B . 16.99 15.35 -21.78
C3 NAG B . 17.79 16.65 -21.90
C4 NAG B . 19.07 16.43 -22.68
C5 NAG B . 18.52 15.97 -24.05
C6 NAG B . 19.47 16.09 -25.24
C7 NAG B . 15.56 15.30 -19.79
C8 NAG B . 14.30 15.81 -19.15
N2 NAG B . 15.79 15.73 -21.04
O3 NAG B . 18.06 17.29 -20.67
O4 NAG B . 19.81 17.63 -22.73
O5 NAG B . 17.95 14.66 -23.91
O6 NAG B . 18.66 16.68 -26.23
O7 NAG B . 16.29 14.51 -19.16
C1 FUL B . 12.49 14.67 -24.18
C2 FUL B . 12.25 16.08 -24.71
O2 FUL B . 13.04 17.08 -24.08
C3 FUL B . 12.62 15.85 -26.18
O3 FUL B . 12.36 17.02 -26.88
C4 FUL B . 11.89 14.62 -26.81
O4 FUL B . 10.76 15.03 -27.56
C5 FUL B . 11.50 13.47 -25.81
C6 FUL B . 10.37 12.53 -26.26
O5 FUL B . 11.29 13.95 -24.46
C1 NAG C . 17.08 19.59 8.47
C2 NAG C . 18.13 18.91 7.57
C3 NAG C . 19.32 19.83 7.23
C4 NAG C . 18.85 21.21 6.75
C5 NAG C . 17.94 21.84 7.84
C6 NAG C . 16.80 22.65 7.24
C7 NAG C . 18.47 16.35 7.65
C8 NAG C . 17.99 16.09 6.24
N2 NAG C . 18.51 17.61 8.16
O3 NAG C . 20.13 19.27 6.21
O4 NAG C . 19.97 22.04 6.39
O5 NAG C . 17.43 20.93 8.85
O6 NAG C . 17.19 23.47 6.16
O7 NAG C . 18.82 15.37 8.32
C1 NAG C . 20.05 22.56 5.01
C2 NAG C . 19.93 24.13 4.93
C3 NAG C . 21.20 24.76 5.52
C4 NAG C . 22.46 24.10 4.92
C5 NAG C . 22.12 23.06 3.80
C6 NAG C . 23.35 22.44 3.11
C7 NAG C . 19.20 25.88 3.17
C8 NAG C . 19.16 26.15 1.67
N2 NAG C . 19.72 24.68 3.56
O3 NAG C . 21.20 24.72 6.95
O4 NAG C . 23.30 25.13 4.42
O5 NAG C . 21.20 22.07 4.29
O6 NAG C . 23.80 23.15 1.96
O7 NAG C . 18.75 26.74 3.91
C1 FUL C . 16.04 23.66 5.32
C2 FUL C . 16.26 23.62 3.80
O2 FUL C . 17.29 22.75 3.37
C3 FUL C . 14.93 23.12 3.25
O3 FUL C . 14.98 23.07 1.84
C4 FUL C . 13.73 23.93 3.82
O4 FUL C . 13.48 25.04 2.99
C5 FUL C . 13.88 24.37 5.31
C6 FUL C . 12.89 25.43 5.78
O5 FUL C . 15.21 24.76 5.61
N GLY D . -19.01 -0.57 -6.82
CA GLY D . -18.94 0.90 -6.97
C GLY D . -19.57 1.35 -8.27
O GLY D . -19.32 0.72 -9.32
OXT GLY D . -20.35 2.36 -8.26
P1 VX E . 3.94 3.23 -2.63
O1 VX E . 2.91 3.78 -1.65
O2 VX E . 5.63 3.62 -2.56
C1 VX E . 3.38 3.72 -4.36
C2 VX E . 6.15 4.46 -1.47
C3 VX E . 7.12 5.52 -1.99
S SO4 F . 0.40 -21.80 10.86
O1 SO4 F . 0.64 -20.38 10.52
O2 SO4 F . -0.97 -21.89 11.33
O3 SO4 F . 0.68 -22.59 9.67
O4 SO4 F . 1.25 -22.37 11.91
S SO4 G . 28.20 -9.02 -1.69
O1 SO4 G . 28.40 -8.51 -0.33
O2 SO4 G . 26.77 -9.00 -1.93
O3 SO4 G . 28.90 -8.20 -2.71
O4 SO4 G . 28.71 -10.40 -1.77
NA NA H . -4.67 -0.23 -16.23
K K I . 31.45 -3.94 -1.03
CA CA J . 12.31 9.10 3.16
CL CL K . 33.97 5.72 -14.66
CL CL L . 17.70 -23.90 -4.73
C1 NAG M . -19.39 -17.50 12.39
C2 NAG M . -20.38 -17.75 13.57
C3 NAG M . -19.58 -17.59 14.89
C4 NAG M . -18.40 -18.59 14.92
C5 NAG M . -17.47 -18.30 13.68
C6 NAG M . -16.14 -19.08 13.66
C7 NAG M . -22.73 -16.94 12.88
C8 NAG M . -23.12 -18.15 12.05
N2 NAG M . -21.55 -16.83 13.52
O3 NAG M . -20.36 -17.53 16.10
O4 NAG M . -17.76 -18.58 16.21
O5 NAG M . -18.22 -18.35 12.44
O6 NAG M . -15.20 -18.68 12.66
O7 NAG M . -23.57 -16.03 12.96
C1 NAG N . -31.70 9.35 0.83
C2 NAG N . -32.40 10.70 1.04
C3 NAG N . -33.86 10.34 1.21
C4 NAG N . -34.36 9.96 -0.18
C5 NAG N . -33.55 8.80 -0.84
C6 NAG N . -33.55 8.91 -2.38
C7 NAG N . -31.33 12.72 2.05
C8 NAG N . -31.28 13.40 0.71
N2 NAG N . -31.86 11.48 2.16
O3 NAG N . -34.57 11.40 1.82
O4 NAG N . -35.76 9.71 -0.10
O5 NAG N . -32.16 8.73 -0.40
O6 NAG N . -33.90 7.72 -3.06
O7 NAG N . -30.88 13.30 3.05
C1 NAG O . -12.09 -23.67 -13.40
C2 NAG O . -12.17 -22.13 -13.34
C3 NAG O . -13.20 -21.43 -14.30
C4 NAG O . -13.69 -22.24 -15.53
C5 NAG O . -13.70 -23.76 -15.28
C6 NAG O . -14.03 -24.52 -16.59
C7 NAG O . -11.31 -21.12 -11.29
C8 NAG O . -11.53 -20.74 -9.85
N2 NAG O . -12.33 -21.75 -11.93
O3 NAG O . -12.68 -20.19 -14.78
O4 NAG O . -14.97 -21.80 -15.99
O5 NAG O . -12.44 -24.15 -14.71
O6 NAG O . -13.54 -25.85 -16.63
O7 NAG O . -10.23 -20.84 -11.79
C1 NAG P . 3.08 26.20 26.84
C2 NAG P . 3.33 25.55 28.23
C3 NAG P . 2.14 24.70 28.74
C4 NAG P . 0.76 25.23 28.30
C5 NAG P . 0.79 25.50 26.80
C6 NAG P . -0.59 25.76 26.14
C7 NAG P . 5.83 25.13 28.15
C8 NAG P . 6.89 24.05 28.01
N2 NAG P . 4.54 24.71 28.13
O3 NAG P . 2.15 24.63 30.16
O4 NAG P . -0.30 24.37 28.70
O5 NAG P . 1.71 26.58 26.66
O6 NAG P . -0.96 27.12 26.11
O7 NAG P . 6.17 26.32 28.26
NA NA Q . 4.58 8.27 -8.09
CA CA R . -13.21 7.05 -12.04
MG MG S . 0.65 4.11 -6.92
#